data_6WNM
#
_entry.id   6WNM
#
_cell.length_a   38.109
_cell.length_b   47.477
_cell.length_c   169.332
_cell.angle_alpha   90.00
_cell.angle_beta   90.00
_cell.angle_gamma   90.00
#
_symmetry.space_group_name_H-M   'C 2 2 21'
#
loop_
_entity.id
_entity.type
_entity.pdbx_description
1 polymer Pf4r
2 non-polymer [(2R)-3-{[2-(carboxymethoxy)benzene-1-carbonyl]amino}-2-methoxypropyl](hydroxy)mercury
3 water water
#
_entity_poly.entity_id   1
_entity_poly.type   'polypeptide(L)'
_entity_poly.pdbx_seq_one_letter_code
;MSTPADRARLLIKKIGPKKVSLHGGDYERWKSVSKGAIRVSTEEIDVLVKIFPNYALWIASGSIAPEVGQTSPDYDEANL
NLSNQNAGAHHHHHH
;
_entity_poly.pdbx_strand_id   A,B
#
loop_
_chem_comp.id
_chem_comp.type
_chem_comp.name
_chem_comp.formula
U5J non-polymer [(2R)-3-{[2-(carboxymethoxy)benzene-1-carbonyl]amino}-2-methoxypropyl](hydroxy)mercury 'C13 H17 Hg N O6'
#
# COMPACT_ATOMS: atom_id res chain seq x y z
N SER A 2 -13.22 -11.65 -6.49
CA SER A 2 -13.47 -10.92 -5.21
C SER A 2 -14.87 -10.30 -5.23
N THR A 3 -15.38 -9.96 -4.04
CA THR A 3 -16.61 -9.21 -3.88
C THR A 3 -16.33 -7.72 -3.74
N PRO A 4 -17.36 -6.88 -3.94
CA PRO A 4 -17.22 -5.46 -3.59
C PRO A 4 -16.78 -5.23 -2.15
N ALA A 5 -17.17 -6.10 -1.22
CA ALA A 5 -16.76 -5.94 0.17
C ALA A 5 -15.27 -6.19 0.35
N ASP A 6 -14.71 -7.17 -0.35
CA ASP A 6 -13.27 -7.40 -0.23
C ASP A 6 -12.48 -6.24 -0.81
N ARG A 7 -12.89 -5.73 -1.95
CA ARG A 7 -12.24 -4.58 -2.55
C ARG A 7 -12.39 -3.31 -1.70
N ALA A 8 -13.57 -3.06 -1.17
CA ALA A 8 -13.75 -1.95 -0.23
C ALA A 8 -12.89 -2.11 1.03
N ARG A 9 -12.88 -3.29 1.64
CA ARG A 9 -12.06 -3.49 2.84
C ARG A 9 -10.57 -3.33 2.56
N LEU A 10 -10.13 -3.68 1.35
CA LEU A 10 -8.74 -3.46 0.99
C LEU A 10 -8.36 -1.98 1.05
N LEU A 11 -9.26 -1.09 0.63
CA LEU A 11 -9.04 0.34 0.75
C LEU A 11 -9.29 0.85 2.17
N ILE A 12 -10.32 0.34 2.82
CA ILE A 12 -10.64 0.75 4.19
C ILE A 12 -9.46 0.48 5.12
N LYS A 13 -8.82 -0.67 4.99
CA LYS A 13 -7.66 -1.07 5.82
C LYS A 13 -6.48 -0.13 5.64
N LYS A 14 -6.45 0.66 4.57
CA LYS A 14 -5.31 1.57 4.28
C LYS A 14 -5.67 3.02 4.60
N ILE A 15 -6.83 3.33 5.17
CA ILE A 15 -7.20 4.74 5.49
C ILE A 15 -7.42 4.86 7.00
N GLY A 16 -6.86 5.87 7.67
CA GLY A 16 -6.96 6.08 9.11
C GLY A 16 -7.92 7.19 9.49
N PRO A 17 -8.07 7.58 10.76
CA PRO A 17 -9.00 8.62 11.16
C PRO A 17 -9.00 9.96 10.41
N LYS A 18 -7.86 10.41 9.93
CA LYS A 18 -7.72 11.73 9.28
C LYS A 18 -8.53 11.81 7.99
N LYS A 19 -8.28 10.94 7.03
CA LYS A 19 -8.93 10.96 5.70
C LYS A 19 -10.40 10.56 5.82
N VAL A 20 -10.75 9.73 6.80
CA VAL A 20 -12.12 9.25 7.08
C VAL A 20 -12.94 10.45 7.55
N SER A 21 -12.39 11.18 8.51
CA SER A 21 -12.99 12.39 9.10
C SER A 21 -13.10 13.52 8.08
N LEU A 22 -12.08 13.76 7.29
CA LEU A 22 -12.15 14.83 6.30
C LEU A 22 -13.16 14.55 5.20
N HIS A 23 -13.49 13.29 4.93
CA HIS A 23 -14.54 12.95 3.98
C HIS A 23 -15.84 12.53 4.64
N GLY A 24 -15.99 12.75 5.93
CA GLY A 24 -17.30 12.78 6.53
C GLY A 24 -17.79 11.41 6.96
N GLY A 25 -16.89 10.52 7.38
CA GLY A 25 -17.33 9.22 7.88
C GLY A 25 -17.07 9.11 9.37
N ASP A 26 -17.75 8.17 10.03
CA ASP A 26 -17.41 7.79 11.39
C ASP A 26 -16.21 6.85 11.37
N TYR A 27 -15.22 7.11 12.24
CA TYR A 27 -14.09 6.19 12.27
C TYR A 27 -14.40 4.94 13.07
N GLU A 28 -15.25 5.03 14.09
CA GLU A 28 -15.51 3.87 14.91
C GLU A 28 -16.19 2.78 14.09
N ARG A 29 -17.20 3.17 13.34
CA ARG A 29 -17.82 2.26 12.36
C ARG A 29 -16.78 1.78 11.34
N TRP A 30 -16.00 2.71 10.79
CA TRP A 30 -14.97 2.36 9.81
C TRP A 30 -14.05 1.25 10.30
N LYS A 31 -13.57 1.33 11.55
CA LYS A 31 -12.73 0.26 12.08
C LYS A 31 -13.47 -1.07 12.25
N SER A 32 -14.74 -1.03 12.65
CA SER A 32 -15.52 -2.27 12.72
C SER A 32 -15.76 -2.88 11.35
N VAL A 33 -15.93 -2.06 10.31
CA VAL A 33 -15.96 -2.59 8.95
C VAL A 33 -14.60 -3.14 8.56
N SER A 34 -13.53 -2.42 8.87
CA SER A 34 -12.20 -2.91 8.53
C SER A 34 -11.97 -4.32 9.06
N LYS A 35 -12.33 -4.56 10.33
CA LYS A 35 -12.05 -5.84 10.97
C LYS A 35 -12.93 -6.96 10.45
N GLY A 36 -14.01 -6.68 9.75
CA GLY A 36 -14.91 -7.74 9.28
C GLY A 36 -16.05 -7.93 10.26
N ALA A 37 -16.09 -7.22 11.36
CA ALA A 37 -17.14 -7.37 12.37
C ALA A 37 -18.49 -7.01 11.77
N ILE A 38 -18.50 -6.01 10.90
CA ILE A 38 -19.75 -5.43 10.32
C ILE A 38 -19.64 -5.36 8.79
N ARG A 39 -20.77 -5.52 8.08
CA ARG A 39 -20.90 -5.44 6.62
C ARG A 39 -20.48 -4.07 6.09
N VAL A 40 -19.84 -4.01 4.93
CA VAL A 40 -19.54 -2.74 4.22
C VAL A 40 -20.85 -2.21 3.69
N SER A 41 -21.25 -0.99 3.99
CA SER A 41 -22.51 -0.42 3.47
C SER A 41 -22.21 0.61 2.39
N THR A 42 -23.24 1.23 1.83
CA THR A 42 -23.13 2.35 0.88
C THR A 42 -22.46 3.54 1.54
N GLU A 43 -22.56 3.68 2.85
CA GLU A 43 -21.90 4.75 3.62
C GLU A 43 -20.39 4.69 3.44
N GLU A 44 -19.82 3.48 3.46
CA GLU A 44 -18.35 3.25 3.35
C GLU A 44 -17.92 3.49 1.91
N ILE A 45 -18.78 3.10 0.96
CA ILE A 45 -18.57 3.23 -0.49
C ILE A 45 -18.50 4.72 -0.78
N ASP A 46 -19.44 5.47 -0.22
CA ASP A 46 -19.53 6.93 -0.38
C ASP A 46 -18.24 7.60 0.09
N VAL A 47 -17.73 7.27 1.27
CA VAL A 47 -16.46 7.83 1.81
C VAL A 47 -15.33 7.37 0.91
N LEU A 48 -15.27 6.10 0.52
CA LEU A 48 -14.18 5.64 -0.32
C LEU A 48 -14.15 6.33 -1.68
N VAL A 49 -15.31 6.56 -2.28
CA VAL A 49 -15.34 7.16 -3.59
C VAL A 49 -15.06 8.66 -3.53
N LYS A 50 -15.36 9.31 -2.42
CA LYS A 50 -14.79 10.64 -2.17
C LYS A 50 -13.27 10.58 -2.01
N ILE A 51 -12.75 9.59 -1.30
CA ILE A 51 -11.31 9.50 -1.11
C ILE A 51 -10.63 9.02 -2.38
N PHE A 52 -11.23 8.05 -3.06
CA PHE A 52 -10.64 7.39 -4.23
C PHE A 52 -11.62 7.42 -5.39
N PRO A 53 -11.85 8.59 -5.99
CA PRO A 53 -12.85 8.67 -7.08
C PRO A 53 -12.47 7.84 -8.28
N ASN A 54 -11.17 7.63 -8.50
CA ASN A 54 -10.68 6.77 -9.57
C ASN A 54 -10.95 5.28 -9.34
N TYR A 55 -11.30 4.86 -8.13
CA TYR A 55 -11.56 3.45 -7.84
C TYR A 55 -13.05 3.10 -7.79
N ALA A 56 -13.96 4.04 -8.10
CA ALA A 56 -15.39 3.78 -7.97
C ALA A 56 -15.87 2.61 -8.80
N LEU A 57 -15.37 2.47 -10.04
CA LEU A 57 -15.74 1.33 -10.88
C LEU A 57 -15.16 0.04 -10.33
N TRP A 58 -13.89 0.06 -9.95
CA TRP A 58 -13.25 -1.13 -9.40
C TRP A 58 -13.92 -1.60 -8.12
N ILE A 59 -14.23 -0.68 -7.21
CA ILE A 59 -14.95 -1.05 -5.99
C ILE A 59 -16.24 -1.78 -6.32
N ALA A 60 -17.06 -1.20 -7.21
CA ALA A 60 -18.36 -1.79 -7.51
C ALA A 60 -18.25 -3.08 -8.33
N SER A 61 -17.33 -3.12 -9.30
CA SER A 61 -17.34 -4.21 -10.27
C SER A 61 -16.12 -5.11 -10.25
N GLY A 62 -15.00 -4.65 -9.67
CA GLY A 62 -13.75 -5.35 -9.82
C GLY A 62 -13.07 -5.16 -11.16
N SER A 63 -13.66 -4.41 -12.07
CA SER A 63 -13.01 -4.11 -13.33
C SER A 63 -12.49 -2.67 -13.32
N ILE A 64 -11.66 -2.35 -14.31
CA ILE A 64 -11.09 -1.02 -14.45
C ILE A 64 -11.46 -0.47 -15.83
N ALA A 65 -11.31 0.84 -15.97
CA ALA A 65 -11.40 1.50 -17.28
C ALA A 65 -10.47 2.71 -17.32
N PRO A 66 -9.18 2.48 -17.57
CA PRO A 66 -8.22 3.59 -17.66
C PRO A 66 -8.60 4.66 -18.67
N GLU A 67 -9.39 4.32 -19.69
CA GLU A 67 -9.84 5.27 -20.69
C GLU A 67 -10.59 6.44 -20.09
N VAL A 68 -11.29 6.23 -18.97
CA VAL A 68 -12.04 7.28 -18.30
C VAL A 68 -11.47 7.59 -16.91
N GLY A 69 -10.20 7.32 -16.69
CA GLY A 69 -9.56 7.51 -15.40
C GLY A 69 -10.02 6.64 -14.26
N GLN A 70 -10.65 5.50 -14.54
CA GLN A 70 -10.99 4.50 -13.53
C GLN A 70 -9.92 3.43 -13.49
N THR A 71 -9.24 3.32 -12.35
CA THR A 71 -8.10 2.43 -12.20
C THR A 71 -8.34 1.53 -10.99
N SER A 72 -7.31 0.83 -10.54
CA SER A 72 -7.26 0.14 -9.27
C SER A 72 -5.97 0.37 -8.51
N PRO A 73 -5.93 -0.02 -7.23
CA PRO A 73 -4.64 0.02 -6.49
C PRO A 73 -3.49 -0.72 -7.16
N ASP A 74 -3.71 -1.96 -7.62
CA ASP A 74 -2.63 -2.68 -8.29
C ASP A 74 -2.28 -2.05 -9.62
N TYR A 75 -3.26 -1.50 -10.32
CA TYR A 75 -2.97 -0.85 -11.60
C TYR A 75 -2.12 0.40 -11.38
N ASP A 76 -2.52 1.26 -10.44
CA ASP A 76 -1.75 2.47 -10.18
C ASP A 76 -0.32 2.13 -9.74
N GLU A 77 -0.16 1.15 -8.87
CA GLU A 77 1.15 0.70 -8.37
C GLU A 77 2.01 0.18 -9.53
N ALA A 78 1.44 -0.57 -10.46
CA ALA A 78 2.12 -1.14 -11.64
C ALA A 78 2.46 -0.05 -12.66
N ASN A 79 1.75 1.06 -12.64
CA ASN A 79 1.90 2.18 -13.60
C ASN A 79 2.91 3.23 -13.13
N LEU A 80 3.51 3.10 -11.97
CA LEU A 80 4.48 4.10 -11.44
C LEU A 80 5.78 4.07 -12.24
N SER B 2 21.07 -6.27 12.91
CA SER B 2 20.50 -6.94 11.70
C SER B 2 21.34 -6.62 10.46
N THR B 3 21.26 -7.48 9.46
CA THR B 3 21.96 -7.30 8.20
C THR B 3 21.06 -6.67 7.16
N PRO B 4 21.64 -6.14 6.08
CA PRO B 4 20.82 -5.74 4.92
C PRO B 4 19.90 -6.82 4.41
N ALA B 5 20.24 -8.10 4.59
CA ALA B 5 19.35 -9.17 4.19
C ALA B 5 18.10 -9.21 5.06
N ASP B 6 18.26 -9.01 6.37
CA ASP B 6 17.10 -8.97 7.26
C ASP B 6 16.21 -7.77 6.97
N ARG B 7 16.82 -6.62 6.66
CA ARG B 7 16.03 -5.44 6.28
C ARG B 7 15.38 -5.63 4.91
N ALA B 8 16.09 -6.28 3.99
CA ALA B 8 15.49 -6.61 2.69
C ALA B 8 14.27 -7.51 2.84
N ARG B 9 14.39 -8.57 3.66
CA ARG B 9 13.23 -9.41 3.93
C ARG B 9 12.13 -8.63 4.64
N LEU B 10 12.49 -7.79 5.61
CA LEU B 10 11.51 -6.96 6.30
C LEU B 10 10.75 -6.05 5.33
N LEU B 11 11.46 -5.43 4.40
CA LEU B 11 10.80 -4.57 3.41
C LEU B 11 9.83 -5.35 2.54
N ILE B 12 10.22 -6.52 2.06
CA ILE B 12 9.34 -7.33 1.23
C ILE B 12 8.11 -7.76 2.03
N LYS B 13 8.31 -8.06 3.31
CA LYS B 13 7.18 -8.36 4.20
C LYS B 13 6.26 -7.15 4.40
N LYS B 14 6.83 -5.97 4.65
CA LYS B 14 6.01 -4.80 4.98
C LYS B 14 5.42 -4.12 3.75
N ILE B 15 6.00 -4.32 2.56
CA ILE B 15 5.33 -3.97 1.32
C ILE B 15 4.40 -5.08 0.84
N GLY B 16 4.87 -6.32 0.92
CA GLY B 16 4.22 -7.45 0.31
C GLY B 16 4.83 -7.77 -1.04
N PRO B 17 5.11 -9.05 -1.30
CA PRO B 17 5.79 -9.41 -2.55
C PRO B 17 5.04 -9.07 -3.82
N LYS B 18 3.70 -9.13 -3.81
CA LYS B 18 2.94 -8.69 -4.97
C LYS B 18 3.14 -7.22 -5.29
N LYS B 19 2.99 -6.32 -4.30
CA LYS B 19 3.20 -4.91 -4.59
C LYS B 19 4.63 -4.60 -5.00
N VAL B 20 5.61 -5.27 -4.39
CA VAL B 20 6.98 -5.14 -4.88
C VAL B 20 7.05 -5.58 -6.33
N SER B 21 6.43 -6.72 -6.66
CA SER B 21 6.47 -7.23 -8.02
C SER B 21 5.72 -6.34 -9.01
N LEU B 22 4.74 -5.57 -8.52
CA LEU B 22 4.10 -4.58 -9.37
C LEU B 22 5.08 -3.51 -9.83
N HIS B 23 6.09 -3.22 -9.02
CA HIS B 23 7.20 -2.39 -9.48
C HIS B 23 8.15 -3.19 -10.35
N GLY B 24 8.67 -4.30 -9.84
CA GLY B 24 9.62 -5.08 -10.58
C GLY B 24 10.02 -6.33 -9.82
N GLY B 25 10.91 -7.09 -10.44
CA GLY B 25 11.31 -8.40 -9.98
C GLY B 25 10.25 -9.46 -10.23
N ASP B 26 10.70 -10.72 -10.25
CA ASP B 26 9.84 -11.90 -10.13
C ASP B 26 9.08 -11.94 -8.80
N TYR B 27 7.76 -12.07 -8.90
CA TYR B 27 6.90 -12.22 -7.72
C TYR B 27 7.26 -13.43 -6.87
N GLU B 28 7.51 -14.58 -7.52
CA GLU B 28 7.78 -15.82 -6.79
C GLU B 28 9.14 -15.83 -6.12
N ARG B 29 10.12 -15.16 -6.74
CA ARG B 29 11.39 -14.91 -6.06
C ARG B 29 11.19 -14.08 -4.79
N TRP B 30 10.41 -12.99 -4.86
CA TRP B 30 10.13 -12.23 -3.65
C TRP B 30 9.43 -13.08 -2.60
N LYS B 31 8.38 -13.79 -2.99
CA LYS B 31 7.70 -14.70 -2.07
C LYS B 31 8.68 -15.70 -1.45
N SER B 32 9.60 -16.22 -2.26
CA SER B 32 10.64 -17.11 -1.79
C SER B 32 11.60 -16.43 -0.82
N VAL B 33 11.90 -15.15 -1.02
CA VAL B 33 12.68 -14.41 -0.04
C VAL B 33 11.92 -14.28 1.27
N SER B 34 10.66 -13.85 1.22
CA SER B 34 9.90 -13.66 2.45
C SER B 34 10.00 -14.88 3.37
N VAL B 40 18.78 -13.79 0.40
CA VAL B 40 18.78 -12.54 -0.33
C VAL B 40 20.11 -12.35 -1.06
N SER B 41 20.04 -12.17 -2.37
CA SER B 41 21.22 -11.90 -3.18
C SER B 41 21.54 -10.40 -3.15
N THR B 42 22.81 -10.11 -3.46
CA THR B 42 23.21 -8.73 -3.70
C THR B 42 22.45 -8.10 -4.86
N GLU B 43 21.97 -8.92 -5.80
CA GLU B 43 21.10 -8.44 -6.86
C GLU B 43 19.65 -8.24 -6.45
N GLU B 44 19.17 -8.88 -5.38
CA GLU B 44 17.93 -8.44 -4.76
C GLU B 44 18.08 -7.07 -4.11
N ILE B 45 19.22 -6.81 -3.46
CA ILE B 45 19.45 -5.50 -2.87
C ILE B 45 19.41 -4.42 -3.94
N ASP B 46 20.12 -4.63 -5.04
CA ASP B 46 20.17 -3.62 -6.10
C ASP B 46 18.80 -3.38 -6.74
N VAL B 47 17.98 -4.41 -6.85
CA VAL B 47 16.63 -4.22 -7.37
C VAL B 47 15.73 -3.50 -6.36
N LEU B 48 15.79 -3.90 -5.09
CA LEU B 48 15.02 -3.18 -4.07
C LEU B 48 15.45 -1.72 -3.94
N VAL B 49 16.74 -1.43 -4.13
CA VAL B 49 17.18 -0.04 -4.08
C VAL B 49 16.77 0.74 -5.32
N LYS B 50 16.69 0.08 -6.48
CA LYS B 50 16.09 0.71 -7.66
C LYS B 50 14.59 0.90 -7.49
N ILE B 51 13.89 -0.05 -6.87
CA ILE B 51 12.46 0.10 -6.67
C ILE B 51 12.18 1.14 -5.59
N PHE B 52 12.93 1.10 -4.49
CA PHE B 52 12.75 2.01 -3.37
C PHE B 52 14.04 2.78 -3.11
N PRO B 53 14.36 3.75 -3.97
CA PRO B 53 15.61 4.51 -3.77
C PRO B 53 15.64 5.32 -2.50
N ASN B 54 14.47 5.72 -1.98
CA ASN B 54 14.39 6.36 -0.67
C ASN B 54 14.75 5.44 0.49
N TYR B 55 14.81 4.12 0.29
CA TYR B 55 15.20 3.19 1.35
C TYR B 55 16.63 2.69 1.20
N ALA B 56 17.42 3.27 0.28
CA ALA B 56 18.76 2.78 0.01
C ALA B 56 19.65 2.83 1.25
N LEU B 57 19.69 3.97 1.94
CA LEU B 57 20.51 4.08 3.15
C LEU B 57 20.04 3.13 4.24
N TRP B 58 18.73 3.04 4.46
CA TRP B 58 18.21 2.14 5.48
C TRP B 58 18.48 0.68 5.14
N ILE B 59 18.30 0.28 3.88
CA ILE B 59 18.64 -1.08 3.47
C ILE B 59 20.10 -1.39 3.79
N ALA B 60 21.01 -0.51 3.37
CA ALA B 60 22.44 -0.76 3.53
C ALA B 60 22.90 -0.72 4.98
N SER B 61 22.30 0.13 5.81
CA SER B 61 22.87 0.47 7.11
C SER B 61 21.88 0.47 8.26
N GLY B 62 20.57 0.45 8.01
CA GLY B 62 19.60 0.61 9.07
C GLY B 62 19.43 2.02 9.61
N SER B 63 20.16 3.00 9.08
CA SER B 63 19.95 4.39 9.46
C SER B 63 19.08 5.09 8.41
N ILE B 64 18.66 6.31 8.74
CA ILE B 64 17.88 7.13 7.84
C ILE B 64 18.47 8.54 7.80
N ALA B 65 18.14 9.28 6.75
CA ALA B 65 18.46 10.72 6.67
C ALA B 65 17.29 11.46 6.02
N PRO B 66 16.19 11.64 6.77
CA PRO B 66 15.01 12.29 6.18
C PRO B 66 15.31 13.66 5.60
N GLU B 67 16.34 14.34 6.11
CA GLU B 67 16.74 15.64 5.58
C GLU B 67 17.03 15.57 4.08
N VAL B 68 17.50 14.44 3.59
CA VAL B 68 17.79 14.26 2.17
C VAL B 68 16.80 13.30 1.51
N GLY B 69 15.71 12.98 2.19
CA GLY B 69 14.73 12.04 1.66
C GLY B 69 15.11 10.58 1.77
N GLN B 70 16.04 10.23 2.66
CA GLN B 70 16.34 8.83 2.95
C GLN B 70 15.58 8.44 4.22
N THR B 71 14.63 7.53 4.06
CA THR B 71 13.71 7.18 5.13
C THR B 71 13.58 5.67 5.26
N SER B 72 12.65 5.22 6.07
CA SER B 72 12.38 3.80 6.25
C SER B 72 10.88 3.57 6.29
N PRO B 73 10.44 2.33 6.09
CA PRO B 73 9.02 2.00 6.30
C PRO B 73 8.45 2.49 7.62
N ASP B 74 9.19 2.31 8.72
CA ASP B 74 8.73 2.74 10.03
C ASP B 74 8.68 4.26 10.16
N TYR B 75 9.65 4.97 9.58
CA TYR B 75 9.56 6.43 9.56
C TYR B 75 8.36 6.91 8.74
N ASP B 76 8.12 6.28 7.59
CA ASP B 76 6.98 6.64 6.77
C ASP B 76 5.64 6.37 7.45
N GLU B 77 5.54 5.26 8.18
CA GLU B 77 4.36 5.02 9.01
C GLU B 77 4.22 6.05 10.12
N ALA B 78 5.31 6.40 10.80
CA ALA B 78 5.21 7.36 11.89
C ALA B 78 4.86 8.76 11.39
N ASN B 79 5.25 9.10 10.17
CA ASN B 79 5.00 10.41 9.58
C ASN B 79 3.82 10.42 8.63
N LEU B 80 2.93 9.44 8.76
CA LEU B 80 1.76 9.37 7.88
C LEU B 80 1.00 10.69 7.90
N ASN B 81 0.73 11.22 6.70
CA ASN B 81 -0.07 12.43 6.48
C ASN B 81 0.63 13.71 6.89
N LEU B 82 1.91 13.65 7.24
CA LEU B 82 2.67 14.86 7.59
C LEU B 82 3.57 15.29 6.43
C13 U5J C . -11.10 18.40 3.55
C15 U5J C . -9.39 17.89 2.03
C03 U5J C . -12.55 14.50 -3.02
C04 U5J C . -13.71 15.43 -2.59
C06 U5J C . -14.18 17.71 -3.59
C07 U5J C . -13.96 15.37 -1.08
C09 U5J C . -12.63 16.26 0.87
C11 U5J C . -11.54 17.03 1.61
C12 U5J C . -11.92 17.68 2.76
C14 U5J C . -9.82 18.50 3.17
C16 U5J C . -10.23 17.16 1.26
C18 U5J C . -8.48 16.90 -0.35
C19 U5J C . -8.61 16.34 -1.75
N08 U5J C . -12.88 16.12 -0.51
O01 U5J C . -8.51 12.24 -1.67
O05 U5J C . -13.30 16.74 -3.03
O10 U5J C . -13.43 15.74 1.47
O17 U5J C . -9.73 16.60 0.12
O20 U5J C . -7.84 15.45 -2.17
O21 U5J C . -9.52 16.71 -2.51
HG2 U5J C . -10.76 13.74 -1.02
#